data_2BBF
#
_entry.id   2BBF
#
_cell.length_a   91.200
_cell.length_b   65.590
_cell.length_c   69.810
_cell.angle_alpha   90.00
_cell.angle_beta   96.07
_cell.angle_gamma   90.00
#
_symmetry.space_group_name_H-M   'C 1 2 1'
#
loop_
_entity.id
_entity.type
_entity.pdbx_description
1 polymer 'tRNA guanine transglycosylase'
2 non-polymer 'ZINC ION'
3 non-polymer 6-AMINO-3,7-DIHYDRO-IMIDAZO[4,5-G]QUINAZOLIN-8-ONE
4 water water
#
_entity_poly.entity_id   1
_entity_poly.type   'polypeptide(L)'
_entity_poly.pdbx_seq_one_letter_code
;MVEATAQETDRPRFSFSIAAREGKARTGTIEMKRGVIRTPAFMPVGTAATVKALKPETVRATGADIILGNTYHLMLRPGA
ERIAKLGGLHSFMGWDRPILTDSGGYQVMSLSSLTKQSEEGVTFKSHLDGSRHMLSPERSIEIQHLLGSDIVMAFDECTP
YPATPSRAASSMERSMRWAKRSRDAFDSRKEQAENAALFGIQQGSVFENLRQQSADALAEIGFDGYAVGGLAVGEGQDEM
FRVLDFSVPMLPDDKPHYLMGVGKPDDIVGAVERGIDMFDCVLPTRSGRNGQAFTWDGPINIRNARFSEDLKPLDSECHC
AVCQKWSRAYIHHLIRAGEILGAMLMTEHNIAFYQQLMQKIRDSISEGRFSQFAQDFRARYFARNS
;
_entity_poly.pdbx_strand_id   A
#
loop_
_chem_comp.id
_chem_comp.type
_chem_comp.name
_chem_comp.formula
344 non-polymer 6-AMINO-3,7-DIHYDRO-IMIDAZO[4,5-G]QUINAZOLIN-8-ONE 'C9 H7 N5 O'
ZN non-polymer 'ZINC ION' 'Zn 2'
#
# COMPACT_ATOMS: atom_id res chain seq x y z
N ARG A 11 12.86 3.59 -21.05
CA ARG A 11 12.37 3.40 -19.66
C ARG A 11 13.39 2.65 -18.82
N PRO A 12 13.85 3.27 -17.72
CA PRO A 12 14.83 2.58 -16.87
C PRO A 12 14.13 1.57 -15.98
N ARG A 13 14.92 0.68 -15.39
CA ARG A 13 14.41 -0.34 -14.48
C ARG A 13 13.81 0.39 -13.29
N PHE A 14 14.52 1.41 -12.83
CA PHE A 14 14.07 2.16 -11.66
C PHE A 14 14.76 3.50 -11.53
N SER A 15 13.98 4.56 -11.43
CA SER A 15 14.52 5.90 -11.23
C SER A 15 13.55 6.75 -10.43
N PHE A 16 13.95 7.09 -9.22
CA PHE A 16 13.12 7.92 -8.35
C PHE A 16 13.71 9.32 -8.41
N SER A 17 12.89 10.30 -8.78
CA SER A 17 13.32 11.68 -8.87
C SER A 17 12.41 12.56 -8.03
N ILE A 18 13.01 13.45 -7.25
CA ILE A 18 12.24 14.35 -6.42
C ILE A 18 12.21 15.70 -7.13
N ALA A 19 11.01 16.14 -7.52
CA ALA A 19 10.83 17.38 -8.24
C ALA A 19 10.64 18.60 -7.34
N ALA A 20 10.05 18.38 -6.17
CA ALA A 20 9.79 19.48 -5.24
C ALA A 20 9.67 19.02 -3.79
N ARG A 21 9.96 19.92 -2.87
CA ARG A 21 9.90 19.62 -1.45
C ARG A 21 9.33 20.76 -0.62
N GLU A 22 8.82 20.41 0.55
CA GLU A 22 8.28 21.37 1.51
C GLU A 22 8.37 20.66 2.85
N GLY A 23 9.24 21.15 3.73
CA GLY A 23 9.40 20.50 5.01
C GLY A 23 9.95 19.11 4.72
N LYS A 24 9.35 18.09 5.34
CA LYS A 24 9.80 16.71 5.11
C LYS A 24 9.07 16.09 3.92
N ALA A 25 8.07 16.81 3.41
CA ALA A 25 7.28 16.32 2.28
C ALA A 25 8.02 16.42 0.95
N ARG A 26 7.77 15.45 0.08
CA ARG A 26 8.38 15.41 -1.25
C ARG A 26 7.37 14.98 -2.29
N THR A 27 7.56 15.45 -3.51
CA THR A 27 6.69 15.03 -4.60
C THR A 27 7.62 14.78 -5.79
N GLY A 28 7.33 13.73 -6.54
CA GLY A 28 8.17 13.42 -7.68
C GLY A 28 7.65 12.24 -8.47
N THR A 29 8.57 11.47 -9.02
CA THR A 29 8.19 10.32 -9.83
C THR A 29 9.13 9.14 -9.71
N ILE A 30 8.59 7.96 -9.94
CA ILE A 30 9.38 6.74 -9.97
C ILE A 30 9.15 6.21 -11.37
N GLU A 31 10.20 6.17 -12.17
CA GLU A 31 10.07 5.64 -13.53
C GLU A 31 10.49 4.18 -13.54
N MET A 32 9.63 3.35 -14.11
CA MET A 32 9.87 1.92 -14.22
C MET A 32 9.55 1.48 -15.63
N LYS A 33 9.94 0.25 -15.96
CA LYS A 33 9.69 -0.26 -17.31
C LYS A 33 8.22 -0.25 -17.72
N ARG A 34 7.34 -0.58 -16.79
CA ARG A 34 5.90 -0.62 -17.11
C ARG A 34 5.16 0.70 -16.91
N GLY A 35 5.85 1.76 -16.50
CA GLY A 35 5.17 3.02 -16.31
C GLY A 35 5.75 3.95 -15.26
N VAL A 36 5.19 5.15 -15.17
CA VAL A 36 5.64 6.15 -14.22
C VAL A 36 4.68 6.21 -13.03
N ILE A 37 5.25 6.34 -11.84
CA ILE A 37 4.48 6.41 -10.62
C ILE A 37 4.66 7.80 -10.02
N ARG A 38 3.55 8.52 -9.87
CA ARG A 38 3.59 9.86 -9.30
C ARG A 38 3.54 9.74 -7.78
N THR A 39 4.46 10.40 -7.09
CA THR A 39 4.51 10.35 -5.64
C THR A 39 4.30 11.73 -5.03
N PRO A 40 3.65 11.80 -3.84
CA PRO A 40 3.13 10.66 -3.07
C PRO A 40 2.08 9.87 -3.84
N ALA A 41 2.14 8.55 -3.73
CA ALA A 41 1.23 7.66 -4.43
C ALA A 41 0.40 6.77 -3.53
N PHE A 42 -0.83 6.49 -3.95
CA PHE A 42 -1.69 5.58 -3.22
C PHE A 42 -1.93 4.38 -4.13
N MET A 43 -1.67 3.19 -3.60
CA MET A 43 -1.84 1.96 -4.36
C MET A 43 -3.08 1.17 -3.96
N PRO A 44 -4.06 1.06 -4.88
CA PRO A 44 -5.26 0.30 -4.55
C PRO A 44 -4.81 -1.15 -4.30
N VAL A 45 -5.50 -1.85 -3.39
CA VAL A 45 -5.13 -3.22 -3.07
C VAL A 45 -5.88 -4.26 -3.92
N GLY A 46 -5.12 -5.17 -4.54
CA GLY A 46 -5.69 -6.21 -5.37
C GLY A 46 -5.19 -7.56 -4.91
N THR A 47 -5.60 -7.94 -3.70
CA THR A 47 -5.18 -9.19 -3.07
C THR A 47 -5.40 -10.49 -3.85
N ALA A 48 -6.60 -10.68 -4.40
CA ALA A 48 -6.90 -11.89 -5.16
C ALA A 48 -6.80 -11.70 -6.67
N ALA A 49 -5.80 -10.94 -7.11
CA ALA A 49 -5.59 -10.66 -8.53
C ALA A 49 -6.73 -9.82 -9.10
N THR A 50 -7.30 -8.97 -8.26
CA THR A 50 -8.38 -8.08 -8.65
C THR A 50 -8.58 -7.03 -7.57
N VAL A 51 -8.81 -5.79 -7.99
CA VAL A 51 -9.11 -4.73 -7.05
C VAL A 51 -10.61 -4.97 -6.99
N LYS A 52 -11.08 -5.48 -5.85
CA LYS A 52 -12.49 -5.83 -5.68
C LYS A 52 -13.54 -4.90 -6.27
N ALA A 53 -14.38 -5.47 -7.12
CA ALA A 53 -15.50 -4.78 -7.78
C ALA A 53 -15.12 -3.77 -8.86
N LEU A 54 -13.87 -3.79 -9.32
CA LEU A 54 -13.45 -2.86 -10.35
C LEU A 54 -12.65 -3.50 -11.48
N LYS A 55 -12.95 -3.11 -12.71
CA LYS A 55 -12.18 -3.58 -13.86
C LYS A 55 -10.89 -2.78 -13.78
N PRO A 56 -9.77 -3.34 -14.28
CA PRO A 56 -8.50 -2.61 -14.24
C PRO A 56 -8.59 -1.23 -14.91
N GLU A 57 -9.35 -1.14 -15.99
CA GLU A 57 -9.48 0.13 -16.70
C GLU A 57 -10.12 1.19 -15.80
N THR A 58 -11.00 0.74 -14.90
CA THR A 58 -11.67 1.65 -13.98
C THR A 58 -10.66 2.09 -12.92
N VAL A 59 -9.85 1.16 -12.45
CA VAL A 59 -8.83 1.49 -11.46
C VAL A 59 -7.92 2.56 -12.08
N ARG A 60 -7.51 2.36 -13.33
CA ARG A 60 -6.64 3.34 -13.99
C ARG A 60 -7.35 4.67 -14.19
N ALA A 61 -8.63 4.62 -14.56
CA ALA A 61 -9.40 5.84 -14.78
C ALA A 61 -9.46 6.75 -13.56
N THR A 62 -9.42 6.15 -12.37
CA THR A 62 -9.47 6.92 -11.13
C THR A 62 -8.15 7.66 -10.89
N GLY A 63 -7.12 7.26 -11.61
CA GLY A 63 -5.82 7.91 -11.46
C GLY A 63 -4.70 7.07 -10.86
N ALA A 64 -4.99 5.81 -10.53
CA ALA A 64 -3.97 4.93 -9.95
C ALA A 64 -2.86 4.66 -10.97
N ASP A 65 -1.61 4.71 -10.51
CA ASP A 65 -0.45 4.47 -11.37
C ASP A 65 0.14 3.08 -11.10
N ILE A 66 -0.24 2.51 -9.97
CA ILE A 66 0.28 1.21 -9.57
C ILE A 66 -0.67 0.60 -8.55
N ILE A 67 -0.73 -0.72 -8.51
CA ILE A 67 -1.58 -1.41 -7.55
C ILE A 67 -0.75 -2.40 -6.73
N LEU A 68 -1.33 -2.89 -5.64
CA LEU A 68 -0.62 -3.82 -4.77
C LEU A 68 -1.15 -5.24 -4.86
N GLY A 69 -0.22 -6.19 -4.97
CA GLY A 69 -0.56 -7.60 -5.04
C GLY A 69 -0.05 -8.27 -3.77
N ASN A 70 -0.40 -9.54 -3.55
CA ASN A 70 0.04 -10.23 -2.34
C ASN A 70 0.63 -11.62 -2.59
N THR A 71 1.86 -11.83 -2.15
CA THR A 71 2.52 -13.12 -2.34
C THR A 71 1.75 -14.25 -1.64
N TYR A 72 1.35 -13.99 -0.41
CA TYR A 72 0.61 -14.98 0.38
C TYR A 72 -0.67 -15.49 -0.29
N HIS A 73 -1.59 -14.58 -0.60
CA HIS A 73 -2.86 -14.97 -1.21
C HIS A 73 -2.73 -15.60 -2.58
N LEU A 74 -1.88 -15.03 -3.44
CA LEU A 74 -1.70 -15.55 -4.78
C LEU A 74 -0.98 -16.91 -4.82
N MET A 75 -0.12 -17.18 -3.85
CA MET A 75 0.57 -18.46 -3.84
C MET A 75 -0.41 -19.57 -3.47
N LEU A 76 -1.48 -19.20 -2.77
CA LEU A 76 -2.50 -20.17 -2.36
C LEU A 76 -3.57 -20.33 -3.43
N ARG A 77 -3.98 -19.20 -4.02
CA ARG A 77 -4.99 -19.22 -5.07
C ARG A 77 -4.74 -18.00 -5.97
N PRO A 78 -4.56 -18.22 -7.29
CA PRO A 78 -4.57 -19.49 -8.03
C PRO A 78 -3.28 -20.29 -8.01
N GLY A 79 -2.23 -19.74 -7.42
CA GLY A 79 -0.94 -20.43 -7.38
C GLY A 79 0.09 -19.63 -8.15
N ALA A 80 1.31 -19.53 -7.61
CA ALA A 80 2.36 -18.76 -8.27
C ALA A 80 2.81 -19.40 -9.58
N GLU A 81 3.10 -20.69 -9.54
CA GLU A 81 3.52 -21.41 -10.73
C GLU A 81 2.44 -21.33 -11.82
N ARG A 82 1.17 -21.43 -11.42
CA ARG A 82 0.08 -21.35 -12.38
C ARG A 82 0.05 -20.00 -13.07
N ILE A 83 0.15 -18.93 -12.30
CA ILE A 83 0.14 -17.59 -12.89
C ILE A 83 1.31 -17.43 -13.86
N ALA A 84 2.46 -17.98 -13.51
CA ALA A 84 3.63 -17.88 -14.38
C ALA A 84 3.33 -18.61 -15.69
N LYS A 85 2.72 -19.79 -15.58
CA LYS A 85 2.37 -20.59 -16.75
C LYS A 85 1.41 -19.82 -17.65
N LEU A 86 0.55 -19.02 -17.03
CA LEU A 86 -0.44 -18.23 -17.77
C LEU A 86 0.10 -16.91 -18.32
N GLY A 87 1.37 -16.62 -18.06
CA GLY A 87 1.95 -15.40 -18.59
C GLY A 87 2.24 -14.28 -17.62
N GLY A 88 2.00 -14.51 -16.34
CA GLY A 88 2.27 -13.47 -15.35
C GLY A 88 1.02 -12.78 -14.84
N LEU A 89 1.13 -12.16 -13.68
CA LEU A 89 0.01 -11.46 -13.06
C LEU A 89 -0.55 -10.32 -13.91
N HIS A 90 0.32 -9.60 -14.60
CA HIS A 90 -0.13 -8.48 -15.43
C HIS A 90 -1.10 -8.94 -16.51
N SER A 91 -0.71 -9.96 -17.26
CA SER A 91 -1.56 -10.48 -18.33
C SER A 91 -2.79 -11.15 -17.74
N PHE A 92 -2.58 -11.89 -16.66
CA PHE A 92 -3.66 -12.60 -15.99
C PHE A 92 -4.83 -11.68 -15.63
N MET A 93 -4.55 -10.62 -14.88
CA MET A 93 -5.63 -9.72 -14.46
C MET A 93 -5.92 -8.54 -15.39
N GLY A 94 -5.07 -8.34 -16.39
CA GLY A 94 -5.30 -7.24 -17.31
C GLY A 94 -4.89 -5.85 -16.86
N TRP A 95 -3.83 -5.78 -16.06
CA TRP A 95 -3.28 -4.50 -15.59
C TRP A 95 -1.85 -4.51 -16.11
N ASP A 96 -1.54 -3.60 -17.04
CA ASP A 96 -0.21 -3.56 -17.63
C ASP A 96 0.79 -2.57 -17.05
N ARG A 97 0.40 -1.91 -15.97
CA ARG A 97 1.28 -0.95 -15.30
C ARG A 97 2.00 -1.59 -14.12
N PRO A 98 2.82 -0.82 -13.40
CA PRO A 98 3.54 -1.39 -12.26
C PRO A 98 2.65 -2.05 -11.21
N ILE A 99 3.18 -3.10 -10.60
CA ILE A 99 2.50 -3.82 -9.52
C ILE A 99 3.54 -4.04 -8.43
N LEU A 100 3.20 -3.70 -7.20
CA LEU A 100 4.10 -3.93 -6.08
C LEU A 100 3.48 -5.12 -5.35
N THR A 101 4.30 -6.10 -4.98
CA THR A 101 3.79 -7.26 -4.26
C THR A 101 4.38 -7.35 -2.85
N ASP A 102 3.51 -7.53 -1.85
CA ASP A 102 4.02 -7.67 -0.50
C ASP A 102 4.64 -9.08 -0.48
N SER A 103 5.54 -9.32 0.46
CA SER A 103 6.24 -10.59 0.54
C SER A 103 5.53 -11.75 1.21
N GLY A 104 4.47 -11.46 1.95
CA GLY A 104 3.73 -12.50 2.64
C GLY A 104 4.12 -12.55 4.10
N GLY A 105 5.09 -11.73 4.48
CA GLY A 105 5.55 -11.70 5.86
C GLY A 105 4.53 -11.20 6.87
N TYR A 106 3.37 -10.75 6.39
CA TYR A 106 2.34 -10.25 7.30
C TYR A 106 1.02 -10.98 7.12
N GLN A 107 0.72 -11.41 5.91
CA GLN A 107 -0.54 -12.09 5.63
C GLN A 107 -0.62 -13.53 6.12
N VAL A 108 0.48 -14.02 6.70
CA VAL A 108 0.50 -15.38 7.23
C VAL A 108 0.29 -15.34 8.73
N MET A 109 0.99 -14.42 9.39
CA MET A 109 0.86 -14.26 10.83
C MET A 109 -0.39 -13.47 11.18
N SER A 110 -1.04 -12.90 10.16
CA SER A 110 -2.26 -12.14 10.37
C SER A 110 -3.46 -13.02 10.04
N LEU A 111 -3.53 -13.47 8.80
CA LEU A 111 -4.63 -14.33 8.36
C LEU A 111 -4.30 -15.81 8.62
N THR A 115 0.66 -22.53 11.91
CA THR A 115 1.80 -21.81 11.37
C THR A 115 3.05 -22.02 12.23
N LYS A 116 4.05 -22.68 11.67
CA LYS A 116 5.30 -22.96 12.37
C LYS A 116 6.39 -22.02 11.85
N GLN A 117 6.98 -21.24 12.75
CA GLN A 117 8.02 -20.31 12.38
C GLN A 117 9.42 -20.81 12.72
N SER A 118 10.41 -20.37 11.97
CA SER A 118 11.80 -20.75 12.19
C SER A 118 12.69 -19.72 11.50
N GLU A 119 13.99 -19.85 11.70
CA GLU A 119 14.94 -18.94 11.09
C GLU A 119 14.96 -19.13 9.58
N GLU A 120 14.43 -20.26 9.12
CA GLU A 120 14.41 -20.54 7.68
C GLU A 120 13.22 -19.95 6.96
N GLY A 121 12.13 -19.76 7.69
CA GLY A 121 10.93 -19.20 7.10
C GLY A 121 9.70 -19.60 7.88
N VAL A 122 8.55 -19.64 7.22
CA VAL A 122 7.33 -20.01 7.90
C VAL A 122 6.53 -21.05 7.12
N THR A 123 6.01 -22.03 7.85
CA THR A 123 5.19 -23.08 7.26
C THR A 123 3.79 -22.87 7.85
N PHE A 124 2.75 -23.06 7.04
CA PHE A 124 1.39 -22.84 7.53
C PHE A 124 0.32 -23.71 6.91
N LYS A 125 -0.84 -23.73 7.56
CA LYS A 125 -1.99 -24.49 7.09
C LYS A 125 -2.83 -23.59 6.18
N SER A 126 -3.24 -24.12 5.04
CA SER A 126 -4.06 -23.37 4.10
C SER A 126 -5.39 -22.98 4.76
N HIS A 127 -5.54 -21.70 5.04
CA HIS A 127 -6.75 -21.19 5.68
C HIS A 127 -7.98 -21.42 4.79
N LEU A 128 -7.75 -21.89 3.56
CA LEU A 128 -8.86 -22.15 2.64
C LEU A 128 -9.26 -23.62 2.66
N SER A 131 -4.08 -27.23 3.34
CA SER A 131 -2.81 -27.71 2.81
C SER A 131 -1.64 -27.03 3.50
N ARG A 132 -0.46 -27.65 3.44
CA ARG A 132 0.74 -27.13 4.06
C ARG A 132 1.60 -26.38 3.04
N HIS A 133 2.17 -25.26 3.46
CA HIS A 133 3.01 -24.45 2.57
C HIS A 133 4.17 -23.80 3.30
N MET A 134 5.33 -23.77 2.65
CA MET A 134 6.53 -23.16 3.20
C MET A 134 6.80 -21.82 2.53
N LEU A 135 7.24 -20.86 3.33
CA LEU A 135 7.55 -19.53 2.81
C LEU A 135 8.83 -19.03 3.46
N SER A 136 9.88 -18.94 2.67
CA SER A 136 11.19 -18.49 3.13
C SER A 136 11.56 -17.25 2.33
N PRO A 137 12.64 -16.55 2.71
CA PRO A 137 13.02 -15.35 1.95
C PRO A 137 13.22 -15.72 0.48
N GLU A 138 13.88 -16.84 0.25
CA GLU A 138 14.15 -17.28 -1.11
C GLU A 138 12.87 -17.63 -1.87
N ARG A 139 11.95 -18.33 -1.23
CA ARG A 139 10.71 -18.71 -1.90
C ARG A 139 9.81 -17.49 -2.12
N SER A 140 9.86 -16.53 -1.21
CA SER A 140 9.05 -15.32 -1.34
C SER A 140 9.52 -14.53 -2.56
N ILE A 141 10.83 -14.36 -2.70
CA ILE A 141 11.37 -13.62 -3.83
C ILE A 141 11.06 -14.36 -5.14
N GLU A 142 11.14 -15.69 -5.11
CA GLU A 142 10.86 -16.48 -6.30
C GLU A 142 9.39 -16.34 -6.71
N ILE A 143 8.49 -16.37 -5.74
CA ILE A 143 7.06 -16.23 -6.04
C ILE A 143 6.81 -14.88 -6.69
N GLN A 144 7.41 -13.83 -6.14
CA GLN A 144 7.21 -12.51 -6.70
C GLN A 144 7.76 -12.48 -8.12
N HIS A 145 8.83 -13.26 -8.36
CA HIS A 145 9.40 -13.33 -9.71
C HIS A 145 8.40 -14.02 -10.65
N LEU A 146 7.84 -15.14 -10.19
CA LEU A 146 6.87 -15.88 -11.00
C LEU A 146 5.64 -15.03 -11.31
N LEU A 147 5.26 -14.17 -10.38
CA LEU A 147 4.11 -13.30 -10.60
C LEU A 147 4.47 -12.19 -11.57
N GLY A 148 5.75 -11.87 -11.67
CA GLY A 148 6.18 -10.82 -12.57
C GLY A 148 6.03 -9.46 -11.91
N SER A 149 6.22 -9.42 -10.59
CA SER A 149 6.11 -8.19 -9.82
C SER A 149 7.15 -7.15 -10.26
N ASP A 150 6.76 -5.89 -10.24
CA ASP A 150 7.67 -4.80 -10.61
C ASP A 150 8.42 -4.34 -9.38
N ILE A 151 7.71 -4.19 -8.27
CA ILE A 151 8.38 -3.81 -7.03
C ILE A 151 8.23 -4.98 -6.08
N VAL A 152 9.36 -5.61 -5.79
CA VAL A 152 9.43 -6.78 -4.93
C VAL A 152 9.74 -6.35 -3.51
N MET A 153 9.00 -6.90 -2.54
CA MET A 153 9.23 -6.57 -1.14
C MET A 153 10.05 -7.66 -0.47
N ALA A 154 11.00 -7.24 0.36
CA ALA A 154 11.83 -8.19 1.09
C ALA A 154 10.91 -8.99 2.02
N PHE A 155 11.28 -10.25 2.27
CA PHE A 155 10.48 -11.10 3.15
C PHE A 155 10.89 -10.78 4.59
N ASP A 156 9.92 -10.36 5.40
CA ASP A 156 10.20 -10.00 6.78
C ASP A 156 9.31 -10.72 7.78
N GLU A 157 9.56 -10.47 9.05
CA GLU A 157 8.78 -11.05 10.14
C GLU A 157 8.21 -9.86 10.90
N CYS A 158 6.92 -9.61 10.73
CA CYS A 158 6.29 -8.48 11.41
C CYS A 158 6.27 -8.73 12.91
N THR A 159 6.10 -7.66 13.68
CA THR A 159 6.08 -7.79 15.13
C THR A 159 4.69 -7.53 15.73
N PRO A 160 4.14 -8.51 16.45
CA PRO A 160 2.81 -8.39 17.08
C PRO A 160 2.73 -7.15 17.99
N TYR A 161 1.71 -6.33 17.79
CA TYR A 161 1.53 -5.13 18.59
C TYR A 161 0.50 -5.33 19.69
N PRO A 162 0.82 -4.90 20.92
CA PRO A 162 2.07 -4.25 21.31
C PRO A 162 3.19 -5.27 21.43
N ALA A 163 4.43 -4.79 21.36
CA ALA A 163 5.58 -5.69 21.46
C ALA A 163 6.56 -5.24 22.53
N THR A 164 7.11 -6.21 23.25
CA THR A 164 8.08 -5.90 24.28
C THR A 164 9.40 -5.60 23.58
N PRO A 165 10.29 -4.84 24.21
CA PRO A 165 11.58 -4.50 23.61
C PRO A 165 12.37 -5.73 23.13
N SER A 166 12.37 -6.78 23.93
CA SER A 166 13.09 -8.01 23.57
C SER A 166 12.52 -8.66 22.31
N ARG A 167 11.20 -8.77 22.24
CA ARG A 167 10.56 -9.37 21.09
C ARG A 167 10.69 -8.49 19.85
N ALA A 168 10.56 -7.19 20.03
CA ALA A 168 10.69 -6.26 18.92
C ALA A 168 12.11 -6.36 18.36
N ALA A 169 13.08 -6.50 19.26
CA ALA A 169 14.47 -6.61 18.85
C ALA A 169 14.72 -7.90 18.07
N SER A 170 14.24 -9.03 18.60
CA SER A 170 14.42 -10.32 17.93
C SER A 170 13.81 -10.35 16.53
N SER A 171 12.58 -9.83 16.42
CA SER A 171 11.88 -9.81 15.15
C SER A 171 12.59 -8.89 14.15
N MET A 172 13.06 -7.75 14.63
CA MET A 172 13.75 -6.81 13.75
C MET A 172 15.07 -7.42 13.28
N GLU A 173 15.81 -8.03 14.21
CA GLU A 173 17.09 -8.64 13.86
C GLU A 173 16.91 -9.75 12.82
N ARG A 174 15.90 -10.59 13.02
CA ARG A 174 15.63 -11.66 12.07
C ARG A 174 15.26 -11.06 10.73
N SER A 175 14.45 -10.01 10.75
CA SER A 175 14.03 -9.35 9.53
C SER A 175 15.23 -8.80 8.76
N MET A 176 16.23 -8.29 9.47
CA MET A 176 17.40 -7.76 8.79
C MET A 176 18.21 -8.89 8.18
N ARG A 177 18.26 -10.04 8.86
CA ARG A 177 18.99 -11.19 8.31
C ARG A 177 18.24 -11.65 7.06
N TRP A 178 16.91 -11.62 7.14
CA TRP A 178 16.08 -12.04 6.01
C TRP A 178 16.15 -11.01 4.89
N ALA A 179 16.42 -9.75 5.24
CA ALA A 179 16.53 -8.70 4.24
C ALA A 179 17.75 -8.97 3.38
N LYS A 180 18.83 -9.44 4.00
CA LYS A 180 20.06 -9.75 3.27
C LYS A 180 19.79 -10.95 2.35
N ARG A 181 19.10 -11.96 2.88
CA ARG A 181 18.78 -13.14 2.07
C ARG A 181 17.88 -12.77 0.91
N SER A 182 16.98 -11.81 1.11
CA SER A 182 16.08 -11.35 0.05
C SER A 182 16.88 -10.64 -1.04
N ARG A 183 17.82 -9.81 -0.62
CA ARG A 183 18.68 -9.05 -1.51
C ARG A 183 19.48 -9.98 -2.41
N ASP A 184 20.10 -10.99 -1.79
CA ASP A 184 20.92 -11.94 -2.54
C ASP A 184 20.09 -12.82 -3.48
N ALA A 185 18.90 -13.22 -3.04
CA ALA A 185 18.04 -14.06 -3.88
C ALA A 185 17.63 -13.27 -5.11
N PHE A 186 17.28 -12.01 -4.90
CA PHE A 186 16.87 -11.11 -5.97
C PHE A 186 18.00 -10.87 -6.97
N ASP A 187 19.18 -10.56 -6.47
CA ASP A 187 20.34 -10.27 -7.31
C ASP A 187 20.85 -11.48 -8.11
N SER A 188 20.69 -12.66 -7.54
CA SER A 188 21.15 -13.88 -8.21
C SER A 188 20.23 -14.35 -9.33
N ARG A 189 19.09 -13.68 -9.48
CA ARG A 189 18.15 -14.03 -10.54
C ARG A 189 18.18 -12.92 -11.59
N LYS A 190 19.03 -13.12 -12.60
CA LYS A 190 19.25 -12.15 -13.68
C LYS A 190 18.03 -11.37 -14.17
N GLU A 191 17.04 -12.08 -14.70
CA GLU A 191 15.83 -11.48 -15.24
C GLU A 191 15.12 -10.57 -14.24
N GLN A 192 15.09 -10.98 -12.98
CA GLN A 192 14.42 -10.21 -11.95
C GLN A 192 15.22 -8.97 -11.57
N ALA A 193 16.53 -9.15 -11.38
CA ALA A 193 17.40 -8.05 -10.99
C ALA A 193 17.45 -6.92 -12.03
N GLU A 194 17.32 -7.27 -13.30
CA GLU A 194 17.40 -6.27 -14.36
C GLU A 194 16.09 -5.58 -14.73
N ASN A 195 14.98 -6.18 -14.35
CA ASN A 195 13.69 -5.61 -14.71
C ASN A 195 12.79 -5.14 -13.56
N ALA A 196 13.04 -5.62 -12.36
CA ALA A 196 12.23 -5.22 -11.22
C ALA A 196 13.06 -4.47 -10.20
N ALA A 197 12.41 -3.98 -9.15
CA ALA A 197 13.08 -3.25 -8.07
C ALA A 197 12.84 -4.00 -6.77
N LEU A 198 13.71 -3.77 -5.78
CA LEU A 198 13.62 -4.44 -4.48
C LEU A 198 13.56 -3.40 -3.35
N PHE A 199 12.54 -3.51 -2.50
CA PHE A 199 12.38 -2.60 -1.36
C PHE A 199 12.64 -3.35 -0.06
N GLY A 200 13.35 -2.70 0.86
CA GLY A 200 13.60 -3.31 2.15
C GLY A 200 12.54 -2.81 3.12
N ILE A 201 12.35 -3.49 4.24
CA ILE A 201 11.34 -3.09 5.20
C ILE A 201 11.93 -2.84 6.58
N GLN A 202 11.78 -1.62 7.07
CA GLN A 202 12.29 -1.25 8.38
C GLN A 202 11.35 -1.77 9.47
N GLN A 203 11.92 -2.33 10.52
CA GLN A 203 11.12 -2.83 11.63
C GLN A 203 11.65 -2.19 12.91
N GLY A 204 11.21 -2.67 14.07
CA GLY A 204 11.68 -2.10 15.31
C GLY A 204 10.57 -1.59 16.21
N SER A 205 9.33 -1.86 15.83
CA SER A 205 8.17 -1.44 16.61
C SER A 205 8.19 0.07 16.85
N VAL A 206 7.94 0.48 18.09
CA VAL A 206 7.91 1.90 18.42
C VAL A 206 9.19 2.38 19.10
N PHE A 207 10.21 1.55 19.09
CA PHE A 207 11.47 1.87 19.73
C PHE A 207 12.47 2.52 18.78
N GLU A 208 12.82 3.76 19.08
CA GLU A 208 13.75 4.52 18.26
C GLU A 208 15.09 3.84 18.01
N ASN A 209 15.70 3.25 19.04
CA ASN A 209 16.99 2.61 18.85
C ASN A 209 16.91 1.40 17.89
N LEU A 210 15.83 0.64 17.96
CA LEU A 210 15.68 -0.52 17.08
C LEU A 210 15.44 -0.05 15.65
N ARG A 211 14.66 1.03 15.50
CA ARG A 211 14.38 1.59 14.19
C ARG A 211 15.67 2.07 13.54
N GLN A 212 16.54 2.66 14.35
CA GLN A 212 17.81 3.16 13.87
C GLN A 212 18.70 2.01 13.41
N GLN A 213 18.77 0.95 14.22
CA GLN A 213 19.57 -0.21 13.86
C GLN A 213 19.05 -0.83 12.57
N SER A 214 17.74 -0.89 12.43
CA SER A 214 17.12 -1.47 11.24
C SER A 214 17.42 -0.60 10.02
N ALA A 215 17.22 0.70 10.16
CA ALA A 215 17.49 1.61 9.06
C ALA A 215 18.94 1.48 8.59
N ASP A 216 19.87 1.43 9.54
CA ASP A 216 21.27 1.30 9.20
C ASP A 216 21.59 -0.02 8.49
N ALA A 217 21.01 -1.12 8.97
CA ALA A 217 21.23 -2.41 8.36
C ALA A 217 20.71 -2.43 6.92
N LEU A 218 19.53 -1.86 6.72
CA LEU A 218 18.92 -1.80 5.40
C LEU A 218 19.74 -0.95 4.42
N ALA A 219 20.23 0.18 4.90
CA ALA A 219 21.03 1.08 4.06
C ALA A 219 22.36 0.43 3.69
N GLU A 220 22.92 -0.36 4.61
CA GLU A 220 24.18 -1.03 4.37
C GLU A 220 24.02 -2.05 3.25
N ILE A 221 22.91 -2.76 3.27
CA ILE A 221 22.62 -3.77 2.24
C ILE A 221 22.33 -3.05 0.93
N GLY A 222 21.50 -2.01 1.02
CA GLY A 222 21.16 -1.24 -0.16
C GLY A 222 19.90 -1.74 -0.85
N PHE A 223 18.92 -0.87 -0.99
CA PHE A 223 17.65 -1.22 -1.64
C PHE A 223 17.20 -0.07 -2.53
N ASP A 224 16.24 -0.36 -3.40
CA ASP A 224 15.69 0.66 -4.30
C ASP A 224 14.69 1.55 -3.59
N GLY A 225 14.14 1.05 -2.50
CA GLY A 225 13.16 1.82 -1.75
C GLY A 225 13.12 1.26 -0.34
N TYR A 226 12.59 2.05 0.59
CA TYR A 226 12.51 1.62 1.98
C TYR A 226 11.12 1.77 2.55
N ALA A 227 10.56 0.67 3.02
CA ALA A 227 9.23 0.70 3.60
C ALA A 227 9.37 0.79 5.12
N VAL A 228 8.38 1.40 5.75
CA VAL A 228 8.35 1.49 7.20
C VAL A 228 7.30 0.45 7.57
N GLY A 229 7.76 -0.67 8.12
CA GLY A 229 6.82 -1.72 8.49
C GLY A 229 6.48 -1.65 9.95
N GLY A 230 5.61 -2.56 10.40
CA GLY A 230 5.25 -2.60 11.82
C GLY A 230 4.26 -1.57 12.30
N LEU A 231 3.67 -0.82 11.38
CA LEU A 231 2.69 0.19 11.74
C LEU A 231 1.34 -0.20 11.12
N ALA A 232 0.29 0.52 11.49
CA ALA A 232 -1.04 0.20 10.99
C ALA A 232 -1.39 -1.21 11.44
N VAL A 233 -1.05 -1.53 12.69
CA VAL A 233 -1.33 -2.84 13.25
C VAL A 233 -2.05 -2.74 14.59
N GLY A 234 -2.67 -1.59 14.85
CA GLY A 234 -3.39 -1.42 16.09
C GLY A 234 -3.04 -0.19 16.89
N GLU A 235 -1.96 0.49 16.50
CA GLU A 235 -1.55 1.68 17.23
C GLU A 235 -2.36 2.88 16.77
N GLY A 236 -2.60 3.81 17.69
CA GLY A 236 -3.36 5.00 17.36
C GLY A 236 -2.56 5.91 16.45
N GLN A 237 -3.23 6.91 15.88
CA GLN A 237 -2.55 7.83 14.98
C GLN A 237 -1.43 8.59 15.68
N ASP A 238 -1.68 9.03 16.92
CA ASP A 238 -0.67 9.76 17.66
C ASP A 238 0.63 8.97 17.72
N GLU A 239 0.52 7.69 18.10
CA GLU A 239 1.68 6.83 18.22
C GLU A 239 2.35 6.62 16.86
N MET A 240 1.55 6.36 15.84
CA MET A 240 2.10 6.14 14.49
C MET A 240 2.88 7.37 14.04
N PHE A 241 2.29 8.55 14.24
CA PHE A 241 2.97 9.78 13.85
C PHE A 241 4.26 9.97 14.64
N ARG A 242 4.21 9.64 15.93
CA ARG A 242 5.38 9.78 16.80
C ARG A 242 6.52 8.91 16.29
N VAL A 243 6.19 7.67 15.90
CA VAL A 243 7.20 6.75 15.37
C VAL A 243 7.73 7.25 14.03
N LEU A 244 6.85 7.78 13.20
CA LEU A 244 7.27 8.29 11.90
C LEU A 244 8.20 9.49 12.06
N ASP A 245 7.93 10.33 13.06
CA ASP A 245 8.74 11.51 13.29
C ASP A 245 10.23 11.20 13.33
N PHE A 246 10.62 10.14 14.04
CA PHE A 246 12.03 9.80 14.12
C PHE A 246 12.48 8.68 13.19
N SER A 247 11.55 7.89 12.71
CA SER A 247 11.89 6.76 11.83
C SER A 247 12.18 7.11 10.37
N VAL A 248 11.34 7.93 9.76
CA VAL A 248 11.53 8.27 8.36
C VAL A 248 12.87 8.96 8.07
N PRO A 249 13.29 9.91 8.92
CA PRO A 249 14.57 10.59 8.69
C PRO A 249 15.78 9.64 8.69
N MET A 250 15.61 8.46 9.26
CA MET A 250 16.69 7.47 9.33
C MET A 250 16.94 6.79 8.00
N LEU A 251 15.93 6.80 7.14
CA LEU A 251 16.02 6.15 5.84
C LEU A 251 16.73 7.03 4.81
N PRO A 252 17.34 6.41 3.78
CA PRO A 252 18.03 7.18 2.75
C PRO A 252 17.06 8.19 2.17
N ASP A 253 17.48 9.44 2.11
CA ASP A 253 16.62 10.50 1.61
C ASP A 253 16.27 10.40 0.13
N ASP A 254 17.23 9.95 -0.68
CA ASP A 254 17.01 9.86 -2.12
C ASP A 254 16.29 8.63 -2.66
N LYS A 255 15.63 7.88 -1.77
CA LYS A 255 14.88 6.70 -2.21
C LYS A 255 13.46 6.81 -1.68
N PRO A 256 12.49 6.15 -2.33
CA PRO A 256 11.11 6.23 -1.86
C PRO A 256 10.91 5.65 -0.46
N HIS A 257 9.99 6.26 0.29
CA HIS A 257 9.67 5.80 1.64
C HIS A 257 8.24 5.29 1.55
N TYR A 258 8.04 4.02 1.86
CA TYR A 258 6.72 3.40 1.75
C TYR A 258 6.13 2.98 3.09
N LEU A 259 4.99 3.57 3.45
CA LEU A 259 4.32 3.24 4.71
C LEU A 259 3.27 2.18 4.42
N MET A 260 3.59 0.94 4.78
CA MET A 260 2.70 -0.19 4.52
C MET A 260 1.40 -0.20 5.31
N GLY A 261 0.29 -0.35 4.58
CA GLY A 261 -1.02 -0.43 5.19
C GLY A 261 -1.69 0.83 5.69
N VAL A 262 -1.06 1.98 5.49
CA VAL A 262 -1.65 3.23 5.95
C VAL A 262 -2.47 3.83 4.84
N GLY A 263 -3.74 4.13 5.15
CA GLY A 263 -4.66 4.67 4.17
C GLY A 263 -5.69 5.70 4.63
N LYS A 264 -6.14 5.70 5.89
CA LYS A 264 -7.13 6.73 6.30
C LYS A 264 -6.67 8.07 5.75
N PRO A 265 -7.57 8.85 5.13
CA PRO A 265 -7.20 10.16 4.56
C PRO A 265 -6.30 11.02 5.43
N ASP A 266 -6.70 11.22 6.69
CA ASP A 266 -5.91 12.05 7.59
C ASP A 266 -4.56 11.40 7.93
N ASP A 267 -4.51 10.07 7.92
CA ASP A 267 -3.27 9.35 8.20
C ASP A 267 -2.29 9.65 7.07
N ILE A 268 -2.78 9.61 5.85
CA ILE A 268 -1.95 9.86 4.67
C ILE A 268 -1.39 11.28 4.66
N VAL A 269 -2.24 12.27 4.89
CA VAL A 269 -1.78 13.65 4.91
C VAL A 269 -0.67 13.82 5.95
N GLY A 270 -0.89 13.30 7.15
CA GLY A 270 0.10 13.41 8.21
C GLY A 270 1.39 12.67 7.91
N ALA A 271 1.27 11.53 7.23
CA ALA A 271 2.43 10.73 6.88
C ALA A 271 3.26 11.44 5.82
N VAL A 272 2.59 12.11 4.89
CA VAL A 272 3.31 12.83 3.84
C VAL A 272 4.06 13.99 4.52
N GLU A 273 3.44 14.62 5.50
CA GLU A 273 4.08 15.71 6.23
C GLU A 273 5.33 15.21 6.93
N ARG A 274 5.43 13.90 7.08
CA ARG A 274 6.57 13.29 7.75
C ARG A 274 7.56 12.56 6.83
N GLY A 275 7.41 12.76 5.52
CA GLY A 275 8.35 12.15 4.59
C GLY A 275 7.96 10.88 3.85
N ILE A 276 6.71 10.46 3.92
CA ILE A 276 6.29 9.25 3.22
C ILE A 276 5.89 9.53 1.77
N ASP A 277 6.28 8.63 0.87
CA ASP A 277 6.02 8.76 -0.57
C ASP A 277 5.02 7.76 -1.15
N MET A 278 4.78 6.65 -0.46
CA MET A 278 3.87 5.62 -0.96
C MET A 278 2.96 5.05 0.12
N PHE A 279 1.75 4.71 -0.28
CA PHE A 279 0.72 4.17 0.61
C PHE A 279 -0.13 3.08 -0.04
N ASP A 280 -0.75 2.27 0.81
CA ASP A 280 -1.68 1.21 0.37
C ASP A 280 -2.59 0.96 1.56
N CYS A 281 -3.84 0.61 1.28
CA CYS A 281 -4.80 0.34 2.34
C CYS A 281 -6.06 -0.28 1.73
N VAL A 282 -6.69 -1.20 2.45
CA VAL A 282 -7.90 -1.83 1.96
C VAL A 282 -9.13 -0.99 2.32
N LEU A 283 -8.92 0.04 3.13
CA LEU A 283 -10.01 0.91 3.58
C LEU A 283 -10.93 1.40 2.45
N PRO A 284 -10.36 2.02 1.40
CA PRO A 284 -11.18 2.53 0.28
C PRO A 284 -12.11 1.47 -0.30
N THR A 285 -11.56 0.29 -0.55
CA THR A 285 -12.35 -0.79 -1.12
C THR A 285 -13.21 -1.53 -0.10
N ARG A 286 -12.59 -1.99 0.98
CA ARG A 286 -13.32 -2.73 2.02
C ARG A 286 -14.46 -1.90 2.62
N SER A 287 -14.17 -0.65 2.98
CA SER A 287 -15.18 0.22 3.55
C SER A 287 -16.22 0.60 2.52
N GLY A 288 -15.80 0.72 1.28
CA GLY A 288 -16.74 1.08 0.23
C GLY A 288 -17.84 0.03 0.16
N ARG A 289 -17.45 -1.24 0.22
CA ARG A 289 -18.42 -2.34 0.17
C ARG A 289 -19.28 -2.37 1.43
N ASN A 290 -18.75 -1.81 2.51
CA ASN A 290 -19.46 -1.80 3.79
C ASN A 290 -20.40 -0.60 3.91
N GLY A 291 -20.39 0.27 2.90
CA GLY A 291 -21.27 1.43 2.93
C GLY A 291 -20.62 2.74 3.30
N GLN A 292 -19.34 2.73 3.64
CA GLN A 292 -18.66 3.96 4.00
C GLN A 292 -18.10 4.68 2.76
N ALA A 293 -18.50 5.95 2.60
CA ALA A 293 -18.02 6.75 1.49
C ALA A 293 -17.23 7.93 2.03
N PHE A 294 -16.06 8.17 1.44
CA PHE A 294 -15.22 9.28 1.88
C PHE A 294 -15.62 10.54 1.15
N THR A 295 -15.69 11.65 1.88
CA THR A 295 -16.03 12.94 1.30
C THR A 295 -15.09 13.96 1.92
N TRP A 296 -14.99 15.14 1.32
CA TRP A 296 -14.11 16.16 1.85
C TRP A 296 -14.59 16.68 3.20
N ASP A 297 -15.84 16.36 3.52
CA ASP A 297 -16.43 16.77 4.78
C ASP A 297 -16.41 15.62 5.79
N GLY A 298 -15.61 14.60 5.50
CA GLY A 298 -15.53 13.46 6.38
C GLY A 298 -16.28 12.25 5.82
N PRO A 299 -16.07 11.06 6.39
CA PRO A 299 -16.76 9.87 5.88
C PRO A 299 -18.24 9.85 6.27
N ILE A 300 -19.06 9.22 5.43
CA ILE A 300 -20.48 9.08 5.72
C ILE A 300 -20.82 7.62 5.45
N ASN A 301 -21.85 7.10 6.12
CA ASN A 301 -22.23 5.72 5.85
C ASN A 301 -23.53 5.81 5.08
N ILE A 302 -23.45 5.46 3.80
CA ILE A 302 -24.58 5.52 2.89
C ILE A 302 -25.78 4.67 3.28
N ARG A 303 -25.59 3.73 4.21
CA ARG A 303 -26.68 2.88 4.66
C ARG A 303 -27.65 3.62 5.57
N ASN A 304 -27.18 4.72 6.16
CA ASN A 304 -28.00 5.50 7.08
C ASN A 304 -29.28 5.94 6.38
N ALA A 305 -30.41 5.78 7.06
CA ALA A 305 -31.72 6.14 6.53
C ALA A 305 -31.85 7.57 6.06
N ARG A 306 -31.02 8.47 6.60
CA ARG A 306 -31.14 9.87 6.18
C ARG A 306 -30.75 10.11 4.73
N PHE A 307 -30.21 9.09 4.07
CA PHE A 307 -29.81 9.23 2.67
C PHE A 307 -30.80 8.61 1.69
N SER A 308 -31.87 8.00 2.22
CA SER A 308 -32.85 7.34 1.36
C SER A 308 -33.49 8.20 0.28
N GLU A 309 -33.55 9.51 0.49
CA GLU A 309 -34.16 10.38 -0.50
C GLU A 309 -33.26 11.58 -0.80
N ASP A 310 -31.96 11.40 -0.55
CA ASP A 310 -30.96 12.42 -0.79
C ASP A 310 -30.51 12.34 -2.26
N LEU A 311 -30.87 13.35 -3.05
CA LEU A 311 -30.52 13.37 -4.46
C LEU A 311 -29.12 13.88 -4.78
N LYS A 312 -28.39 14.33 -3.76
CA LYS A 312 -27.03 14.83 -3.97
C LYS A 312 -26.05 13.70 -4.22
N PRO A 313 -24.92 13.98 -4.88
CA PRO A 313 -23.94 12.91 -5.14
C PRO A 313 -23.20 12.60 -3.84
N LEU A 314 -22.45 11.49 -3.83
CA LEU A 314 -21.70 11.10 -2.65
C LEU A 314 -20.93 12.27 -2.05
N ASP A 315 -20.19 12.99 -2.89
CA ASP A 315 -19.44 14.16 -2.46
C ASP A 315 -19.72 15.29 -3.43
N SER A 316 -19.91 16.49 -2.90
CA SER A 316 -20.24 17.67 -3.69
C SER A 316 -19.20 18.14 -4.70
N GLU A 317 -17.92 17.84 -4.46
CA GLU A 317 -16.87 18.30 -5.37
C GLU A 317 -16.24 17.20 -6.22
N CYS A 318 -16.28 15.97 -5.73
CA CYS A 318 -15.69 14.84 -6.43
C CYS A 318 -16.06 14.80 -7.91
N HIS A 319 -15.07 14.60 -8.77
CA HIS A 319 -15.35 14.53 -10.20
C HIS A 319 -15.35 13.11 -10.75
N CYS A 320 -15.52 12.12 -9.88
CA CYS A 320 -15.54 10.73 -10.35
C CYS A 320 -16.83 10.46 -11.12
N ALA A 321 -16.82 9.40 -11.92
CA ALA A 321 -17.97 9.05 -12.73
C ALA A 321 -19.21 8.73 -11.91
N VAL A 322 -19.02 8.24 -10.69
CA VAL A 322 -20.16 7.90 -9.84
C VAL A 322 -20.89 9.15 -9.37
N CYS A 323 -20.14 10.16 -8.98
CA CYS A 323 -20.73 11.40 -8.50
C CYS A 323 -21.32 12.24 -9.62
N GLN A 324 -20.95 11.95 -10.86
CA GLN A 324 -21.48 12.69 -11.99
C GLN A 324 -22.81 12.11 -12.43
N LYS A 325 -23.05 10.84 -12.13
CA LYS A 325 -24.27 10.17 -12.58
C LYS A 325 -25.31 9.68 -11.57
N TRP A 326 -24.88 9.23 -10.40
CA TRP A 326 -25.84 8.70 -9.42
C TRP A 326 -25.95 9.43 -8.09
N SER A 327 -27.14 9.34 -7.49
CA SER A 327 -27.43 10.00 -6.22
C SER A 327 -27.15 9.11 -5.01
N ARG A 328 -27.05 9.75 -3.86
CA ARG A 328 -26.83 9.03 -2.61
C ARG A 328 -28.03 8.12 -2.38
N ALA A 329 -29.21 8.60 -2.75
CA ALA A 329 -30.44 7.81 -2.58
C ALA A 329 -30.36 6.48 -3.32
N TYR A 330 -29.86 6.52 -4.55
CA TYR A 330 -29.76 5.30 -5.35
C TYR A 330 -28.72 4.34 -4.78
N ILE A 331 -27.54 4.86 -4.43
CA ILE A 331 -26.49 4.01 -3.88
C ILE A 331 -26.94 3.45 -2.53
N HIS A 332 -27.68 4.27 -1.77
CA HIS A 332 -28.23 3.86 -0.47
C HIS A 332 -29.10 2.63 -0.71
N HIS A 333 -29.97 2.72 -1.71
CA HIS A 333 -30.86 1.63 -2.08
C HIS A 333 -30.06 0.38 -2.48
N LEU A 334 -29.07 0.57 -3.34
CA LEU A 334 -28.23 -0.54 -3.79
C LEU A 334 -27.52 -1.27 -2.65
N ILE A 335 -26.91 -0.50 -1.75
CA ILE A 335 -26.19 -1.10 -0.64
C ILE A 335 -27.11 -1.84 0.33
N ARG A 336 -28.25 -1.23 0.66
CA ARG A 336 -29.17 -1.89 1.57
C ARG A 336 -29.80 -3.13 0.92
N ALA A 337 -29.87 -3.14 -0.40
CA ALA A 337 -30.44 -4.28 -1.12
C ALA A 337 -29.40 -5.37 -1.40
N GLY A 338 -28.14 -5.09 -1.05
CA GLY A 338 -27.08 -6.06 -1.26
C GLY A 338 -26.70 -6.23 -2.72
N GLU A 339 -26.96 -5.21 -3.53
CA GLU A 339 -26.65 -5.26 -4.95
C GLU A 339 -25.19 -5.05 -5.29
N ILE A 340 -24.69 -5.84 -6.22
CA ILE A 340 -23.30 -5.76 -6.65
C ILE A 340 -22.95 -4.36 -7.18
N LEU A 341 -23.88 -3.72 -7.88
CA LEU A 341 -23.58 -2.39 -8.40
C LEU A 341 -23.32 -1.43 -7.25
N GLY A 342 -23.89 -1.71 -6.08
CA GLY A 342 -23.65 -0.85 -4.94
C GLY A 342 -22.17 -0.89 -4.59
N ALA A 343 -21.62 -2.10 -4.55
CA ALA A 343 -20.21 -2.29 -4.23
C ALA A 343 -19.35 -1.62 -5.29
N MET A 344 -19.71 -1.81 -6.56
CA MET A 344 -18.99 -1.23 -7.68
C MET A 344 -18.92 0.29 -7.58
N LEU A 345 -20.07 0.93 -7.39
CA LEU A 345 -20.12 2.38 -7.31
C LEU A 345 -19.41 2.95 -6.08
N MET A 346 -19.64 2.36 -4.91
CA MET A 346 -19.00 2.84 -3.70
C MET A 346 -17.48 2.72 -3.81
N THR A 347 -17.02 1.62 -4.38
CA THR A 347 -15.58 1.39 -4.52
C THR A 347 -14.93 2.34 -5.51
N GLU A 348 -15.56 2.56 -6.67
CA GLU A 348 -14.99 3.47 -7.64
C GLU A 348 -14.88 4.87 -7.04
N HIS A 349 -15.94 5.31 -6.36
CA HIS A 349 -15.90 6.63 -5.76
C HIS A 349 -14.80 6.77 -4.71
N ASN A 350 -14.70 5.79 -3.82
CA ASN A 350 -13.69 5.85 -2.77
C ASN A 350 -12.28 5.85 -3.33
N ILE A 351 -12.01 4.99 -4.31
CA ILE A 351 -10.67 4.97 -4.88
C ILE A 351 -10.40 6.27 -5.62
N ALA A 352 -11.42 6.81 -6.28
CA ALA A 352 -11.27 8.08 -7.00
C ALA A 352 -10.96 9.20 -5.99
N PHE A 353 -11.63 9.15 -4.85
CA PHE A 353 -11.43 10.15 -3.80
C PHE A 353 -9.99 10.10 -3.31
N TYR A 354 -9.50 8.90 -3.06
CA TYR A 354 -8.14 8.73 -2.59
C TYR A 354 -7.14 9.27 -3.60
N GLN A 355 -7.38 9.03 -4.89
CA GLN A 355 -6.46 9.53 -5.90
C GLN A 355 -6.51 11.05 -6.00
N GLN A 356 -7.71 11.61 -5.86
CA GLN A 356 -7.87 13.07 -5.89
C GLN A 356 -7.10 13.67 -4.72
N LEU A 357 -7.15 12.99 -3.58
CA LEU A 357 -6.43 13.44 -2.41
C LEU A 357 -4.94 13.44 -2.72
N MET A 358 -4.45 12.37 -3.35
CA MET A 358 -3.04 12.30 -3.67
C MET A 358 -2.64 13.40 -4.66
N GLN A 359 -3.54 13.69 -5.61
CA GLN A 359 -3.27 14.73 -6.60
C GLN A 359 -3.16 16.10 -5.92
N LYS A 360 -4.08 16.36 -4.99
CA LYS A 360 -4.07 17.64 -4.27
C LYS A 360 -2.80 17.76 -3.44
N ILE A 361 -2.34 16.63 -2.89
CA ILE A 361 -1.13 16.62 -2.09
C ILE A 361 0.07 16.92 -2.98
N ARG A 362 0.15 16.23 -4.11
CA ARG A 362 1.24 16.43 -5.05
C ARG A 362 1.30 17.87 -5.56
N ASP A 363 0.14 18.40 -5.95
CA ASP A 363 0.12 19.77 -6.47
C ASP A 363 0.46 20.82 -5.42
N SER A 364 -0.03 20.63 -4.19
CA SER A 364 0.26 21.59 -3.14
C SER A 364 1.76 21.59 -2.80
N ILE A 365 2.38 20.42 -2.78
CA ILE A 365 3.82 20.36 -2.49
C ILE A 365 4.60 21.05 -3.61
N SER A 366 4.22 20.79 -4.85
CA SER A 366 4.88 21.41 -6.00
C SER A 366 4.78 22.93 -5.96
N GLU A 367 3.72 23.43 -5.36
CA GLU A 367 3.48 24.86 -5.28
C GLU A 367 3.87 25.48 -3.93
N GLY A 368 4.47 24.66 -3.07
CA GLY A 368 4.91 25.13 -1.76
C GLY A 368 3.81 25.59 -0.83
N ARG A 369 2.64 24.96 -0.94
CA ARG A 369 1.51 25.33 -0.09
C ARG A 369 0.89 24.07 0.51
N PHE A 370 1.71 23.04 0.72
CA PHE A 370 1.21 21.80 1.29
C PHE A 370 0.82 21.93 2.75
N SER A 371 1.63 22.64 3.53
CA SER A 371 1.32 22.81 4.94
C SER A 371 -0.07 23.44 5.07
N GLN A 372 -0.35 24.42 4.21
CA GLN A 372 -1.64 25.10 4.24
C GLN A 372 -2.74 24.13 3.81
N PHE A 373 -2.47 23.33 2.79
CA PHE A 373 -3.44 22.35 2.30
C PHE A 373 -3.81 21.40 3.44
N ALA A 374 -2.81 20.92 4.17
CA ALA A 374 -3.03 19.99 5.26
C ALA A 374 -3.94 20.61 6.32
N GLN A 375 -3.69 21.88 6.64
CA GLN A 375 -4.49 22.58 7.64
C GLN A 375 -5.94 22.70 7.15
N ASP A 376 -6.11 23.15 5.93
CA ASP A 376 -7.46 23.32 5.36
C ASP A 376 -8.16 21.97 5.24
N PHE A 377 -7.43 20.93 4.87
CA PHE A 377 -8.01 19.60 4.74
C PHE A 377 -8.58 19.15 6.08
N ARG A 378 -7.75 19.20 7.12
CA ARG A 378 -8.18 18.78 8.45
C ARG A 378 -9.35 19.58 8.99
N ALA A 379 -9.33 20.88 8.76
CA ALA A 379 -10.39 21.75 9.25
C ALA A 379 -11.76 21.35 8.73
N ARG A 380 -11.84 21.02 7.44
CA ARG A 380 -13.12 20.64 6.86
C ARG A 380 -13.46 19.17 7.03
N TYR A 381 -12.44 18.31 6.95
CA TYR A 381 -12.65 16.87 7.09
C TYR A 381 -13.17 16.54 8.49
N PHE A 382 -12.72 17.31 9.48
CA PHE A 382 -13.13 17.10 10.86
C PHE A 382 -14.03 18.21 11.39
ZN ZN B . -17.16 10.52 -6.45
N4 344 C . 0.58 -2.88 8.29
C9 344 C . -0.54 -2.91 7.55
N5 344 C . -0.32 -3.70 6.47
C1 344 C . 0.93 -4.18 6.51
C2 344 C . 1.67 -5.05 5.65
C3 344 C . 3.00 -5.36 6.03
N3 344 C . 3.76 -6.19 5.26
C8 344 C . 4.98 -6.52 5.56
N2 344 C . 5.66 -7.32 4.80
N1 344 C . 5.60 -6.06 6.64
C7 344 C . 5.01 -5.24 7.51
O1 344 C . 5.58 -4.82 8.51
C4 344 C . 3.56 -4.80 7.23
C5 344 C . 2.83 -3.93 8.09
C6 344 C . 1.49 -3.65 7.68
#